data_3COX
#
_entry.id   3COX
#
_cell.length_a   67.720
_cell.length_b   84.580
_cell.length_c   88.130
_cell.angle_alpha   90.00
_cell.angle_beta   90.00
_cell.angle_gamma   90.00
#
_symmetry.space_group_name_H-M   'P 21 21 21'
#
loop_
_entity.id
_entity.type
_entity.pdbx_description
1 polymer 'CHOLESTEROL OXIDASE'
2 non-polymer 'FLAVIN-ADENINE DINUCLEOTIDE'
3 water water
#
_entity_poly.entity_id   1
_entity_poly.type   'polypeptide(L)'
_entity_poly.pdbx_seq_one_letter_code
;APSRTLADGDRVPALVIGSGYGGAVAALRLTQAGIPTQIVEMGRSWDTPGSDGKIFCGMLNPDKRSMWLADKTDQPVSNF
MGFGINKSIDRYVGVLDSERFSGIKVYQGRGVGGGSLVNGGMAVTPKRNYFEEILPSVDSNEMYNKYFPRANTGLGVNNI
DQAWFESTEWYKFARTGRKTAQRSGFTTAFVPNVYDFEYMKKEAAGQVTKSGLGGEVIYGNNAGKKSLDKTYLAQAAATG
KLTITTLHRVTKVAPATGSGYSVTMEQIDEQGNVVATKVVTADRVFFAAGSVGTSKLLVSMKAQGHLPNLSSQVGEGWGN
NGNIMVGRANHMWDATGSKQATIPTMGIDNWADPTAPIFAEIAPLPAGLETYVSLYLAITKNPERARFQFNSGTGKVDLT
WAQSQNQKGIDMAKKVFDKINQKEGTIYRTDLFGVYYKTWGDDFTYHPLGGVLLNKATDNFGRLPEYPGLYVVDGSLVPG
NVGVNPFVTITALAERNMDKIISSDIQ
;
_entity_poly.pdbx_strand_id   A
#
# COMPACT_ATOMS: atom_id res chain seq x y z
N THR A 5 18.61 12.35 15.05
CA THR A 5 18.03 12.96 13.86
C THR A 5 19.12 13.60 12.96
N LEU A 6 19.03 13.35 11.65
CA LEU A 6 20.00 13.88 10.68
C LEU A 6 20.19 15.39 10.78
N ALA A 7 21.44 15.83 10.62
CA ALA A 7 21.76 17.24 10.65
C ALA A 7 22.45 17.61 9.35
N ASP A 8 22.24 18.83 8.89
CA ASP A 8 22.94 19.31 7.71
C ASP A 8 24.45 19.09 7.89
N GLY A 9 25.11 18.58 6.86
CA GLY A 9 26.54 18.33 6.92
C GLY A 9 26.91 16.90 7.30
N ASP A 10 25.98 16.14 7.85
CA ASP A 10 26.26 14.75 8.21
C ASP A 10 26.71 13.86 7.05
N ARG A 11 27.52 12.86 7.37
CA ARG A 11 27.96 11.85 6.40
C ARG A 11 27.60 10.51 7.00
N VAL A 12 26.78 9.75 6.28
CA VAL A 12 26.28 8.48 6.79
C VAL A 12 26.54 7.36 5.79
N PRO A 13 26.81 6.16 6.28
CA PRO A 13 27.09 5.05 5.35
C PRO A 13 25.91 4.56 4.52
N ALA A 14 24.72 4.58 5.11
CA ALA A 14 23.54 4.06 4.43
C ALA A 14 22.32 4.88 4.82
N LEU A 15 21.58 5.32 3.81
CA LEU A 15 20.41 6.16 4.01
C LEU A 15 19.23 5.49 3.29
N VAL A 16 18.14 5.24 4.02
CA VAL A 16 16.96 4.61 3.45
C VAL A 16 15.90 5.69 3.39
N ILE A 17 15.38 5.93 2.19
CA ILE A 17 14.35 6.96 2.00
C ILE A 17 12.97 6.31 2.06
N GLY A 18 12.24 6.55 3.16
CA GLY A 18 10.90 6.00 3.33
C GLY A 18 10.90 4.77 4.21
N SER A 19 9.79 4.51 4.89
CA SER A 19 9.74 3.45 5.88
C SER A 19 8.55 2.50 5.72
N GLY A 20 8.10 2.30 4.48
CA GLY A 20 7.09 1.28 4.19
C GLY A 20 7.74 -0.10 4.10
N TYR A 21 7.14 -1.01 3.33
CA TYR A 21 7.64 -2.38 3.23
C TYR A 21 9.10 -2.53 2.75
N GLY A 22 9.42 -1.92 1.61
CA GLY A 22 10.78 -1.98 1.09
C GLY A 22 11.81 -1.39 2.05
N GLY A 23 11.47 -0.24 2.62
CA GLY A 23 12.35 0.45 3.55
C GLY A 23 12.61 -0.32 4.83
N ALA A 24 11.56 -0.93 5.39
CA ALA A 24 11.68 -1.70 6.62
C ALA A 24 12.54 -2.94 6.40
N VAL A 25 12.39 -3.59 5.25
CA VAL A 25 13.24 -4.74 4.92
C VAL A 25 14.69 -4.30 4.77
N ALA A 26 14.92 -3.22 4.02
CA ALA A 26 16.28 -2.71 3.83
C ALA A 26 16.92 -2.41 5.19
N ALA A 27 16.17 -1.71 6.04
CA ALA A 27 16.66 -1.31 7.36
C ALA A 27 17.00 -2.51 8.24
N LEU A 28 16.14 -3.53 8.26
CA LEU A 28 16.42 -4.71 9.07
C LEU A 28 17.67 -5.44 8.59
N ARG A 29 17.76 -5.68 7.29
CA ARG A 29 18.90 -6.45 6.80
C ARG A 29 20.23 -5.72 6.91
N LEU A 30 20.23 -4.41 6.65
CA LEU A 30 21.45 -3.61 6.84
C LEU A 30 21.92 -3.60 8.30
N THR A 31 21.02 -3.30 9.25
CA THR A 31 21.42 -3.23 10.65
C THR A 31 21.87 -4.58 11.19
N GLN A 32 21.27 -5.67 10.71
CA GLN A 32 21.67 -7.01 11.15
C GLN A 32 23.05 -7.36 10.64
N ALA A 33 23.43 -6.77 9.51
CA ALA A 33 24.76 -6.94 8.93
C ALA A 33 25.75 -6.01 9.63
N GLY A 34 25.26 -5.25 10.61
CA GLY A 34 26.12 -4.37 11.38
C GLY A 34 26.34 -2.99 10.80
N ILE A 35 25.56 -2.60 9.80
CA ILE A 35 25.74 -1.29 9.23
C ILE A 35 24.77 -0.27 9.82
N PRO A 36 25.31 0.82 10.42
CA PRO A 36 24.45 1.85 11.02
C PRO A 36 23.61 2.42 9.90
N THR A 37 22.32 2.51 10.17
CA THR A 37 21.38 2.87 9.12
C THR A 37 20.48 4.03 9.53
N GLN A 38 20.29 4.97 8.61
CA GLN A 38 19.40 6.10 8.82
C GLN A 38 18.19 5.92 7.93
N ILE A 39 17.00 5.96 8.52
CA ILE A 39 15.79 6.04 7.70
C ILE A 39 15.34 7.51 7.75
N VAL A 40 14.96 8.05 6.60
CA VAL A 40 14.35 9.37 6.57
C VAL A 40 12.91 9.20 6.10
N GLU A 41 11.98 9.67 6.90
CA GLU A 41 10.55 9.52 6.62
C GLU A 41 9.88 10.88 6.64
N MET A 42 9.08 11.17 5.61
CA MET A 42 8.40 12.46 5.54
C MET A 42 7.27 12.62 6.53
N GLY A 43 6.62 11.51 6.88
CA GLY A 43 5.54 11.56 7.86
C GLY A 43 6.03 11.44 9.30
N ARG A 44 5.07 11.38 10.22
CA ARG A 44 5.41 11.33 11.63
C ARG A 44 5.47 9.92 12.18
N SER A 45 6.05 9.78 13.36
CA SER A 45 6.03 8.53 14.08
C SER A 45 4.66 8.42 14.77
N TRP A 46 3.95 7.32 14.56
CA TRP A 46 2.64 7.15 15.18
C TRP A 46 2.72 6.33 16.49
N ASP A 47 3.34 6.97 17.49
CA ASP A 47 3.59 6.36 18.79
C ASP A 47 3.31 7.35 19.91
N THR A 48 2.58 8.41 19.58
CA THR A 48 2.26 9.48 20.50
C THR A 48 0.74 9.70 20.44
N PRO A 49 0.06 9.54 21.60
CA PRO A 49 -1.39 9.72 21.68
C PRO A 49 -1.87 11.11 21.27
N GLY A 50 -3.04 11.16 20.64
CA GLY A 50 -3.68 12.41 20.33
C GLY A 50 -4.56 12.93 21.46
N SER A 51 -5.41 13.89 21.09
CA SER A 51 -6.34 14.58 22.00
C SER A 51 -7.20 13.64 22.84
N ASP A 52 -7.70 12.61 22.19
CA ASP A 52 -8.59 11.65 22.83
C ASP A 52 -7.84 10.55 23.56
N GLY A 53 -6.51 10.65 23.62
CA GLY A 53 -5.71 9.63 24.28
C GLY A 53 -5.40 8.43 23.39
N LYS A 54 -5.88 8.45 22.15
CA LYS A 54 -5.59 7.34 21.24
C LYS A 54 -4.62 7.83 20.17
N ILE A 55 -3.90 6.92 19.55
CA ILE A 55 -2.95 7.33 18.51
C ILE A 55 -3.65 7.74 17.21
N PHE A 56 -4.55 6.89 16.72
CA PHE A 56 -5.26 7.09 15.46
C PHE A 56 -6.73 7.41 15.68
N CYS A 57 -7.34 8.06 14.71
CA CYS A 57 -8.78 8.32 14.77
C CYS A 57 -9.47 7.18 14.01
N GLY A 58 -10.75 6.96 14.32
CA GLY A 58 -11.55 5.96 13.62
C GLY A 58 -12.19 6.55 12.37
N MET A 59 -12.91 5.72 11.63
CA MET A 59 -13.48 6.15 10.36
C MET A 59 -14.84 6.79 10.49
N LEU A 60 -15.56 6.53 11.58
CA LEU A 60 -16.91 7.08 11.71
C LEU A 60 -16.91 8.56 12.13
N ASN A 61 -15.90 8.93 12.91
CA ASN A 61 -15.71 10.32 13.35
C ASN A 61 -14.23 10.67 13.18
N PRO A 62 -13.76 10.86 11.93
CA PRO A 62 -12.34 11.18 11.70
C PRO A 62 -12.00 12.61 12.08
N ASP A 63 -10.74 12.86 12.40
CA ASP A 63 -10.29 14.23 12.69
C ASP A 63 -9.04 14.54 11.87
N LYS A 64 -8.26 15.54 12.27
CA LYS A 64 -7.12 15.95 11.45
C LYS A 64 -6.05 14.86 11.29
N ARG A 65 -6.04 13.89 12.20
CA ARG A 65 -5.09 12.78 12.13
C ARG A 65 -5.33 11.86 10.92
N SER A 66 -6.50 11.99 10.30
CA SER A 66 -6.87 11.12 9.19
C SER A 66 -6.09 11.34 7.88
N MET A 67 -5.94 12.61 7.49
CA MET A 67 -5.40 12.95 6.19
C MET A 67 -4.04 13.62 6.17
N TRP A 68 -3.27 13.35 5.11
CA TRP A 68 -2.01 14.03 4.90
C TRP A 68 -2.24 15.41 4.28
N LEU A 69 -1.99 16.46 5.07
CA LEU A 69 -2.03 17.86 4.60
C LEU A 69 -3.21 18.17 3.68
N ALA A 70 -4.42 17.96 4.19
CA ALA A 70 -5.63 18.15 3.40
C ALA A 70 -6.65 18.91 4.24
N ASP A 71 -7.69 19.41 3.59
CA ASP A 71 -8.70 20.21 4.26
C ASP A 71 -10.01 19.47 4.54
N LYS A 72 -10.15 18.27 3.97
CA LYS A 72 -11.34 17.44 4.12
C LYS A 72 -10.91 15.99 4.32
N THR A 73 -11.64 15.26 5.14
CA THR A 73 -11.42 13.82 5.25
C THR A 73 -11.89 13.20 3.92
N ASP A 74 -11.30 12.07 3.55
CA ASP A 74 -11.63 11.42 2.28
C ASP A 74 -11.35 9.92 2.31
N GLN A 75 -12.19 9.18 1.60
CA GLN A 75 -11.93 7.79 1.27
C GLN A 75 -12.85 7.47 0.09
N PRO A 76 -12.67 6.29 -0.56
CA PRO A 76 -13.52 5.98 -1.73
C PRO A 76 -15.03 6.01 -1.55
N VAL A 77 -15.54 5.38 -0.50
CA VAL A 77 -16.98 5.45 -0.24
C VAL A 77 -17.27 6.85 0.30
N SER A 78 -18.27 7.50 -0.28
CA SER A 78 -18.53 8.91 -0.01
C SER A 78 -19.95 9.17 0.51
N ASN A 79 -20.04 9.60 1.76
CA ASN A 79 -21.31 10.00 2.36
C ASN A 79 -22.42 8.98 2.15
N PHE A 80 -22.13 7.71 2.47
CA PHE A 80 -23.13 6.67 2.31
C PHE A 80 -23.61 6.22 3.67
N MET A 81 -24.87 6.54 3.96
CA MET A 81 -25.49 6.25 5.24
C MET A 81 -24.60 6.50 6.46
N GLY A 82 -23.97 7.69 6.50
CA GLY A 82 -23.13 8.09 7.61
C GLY A 82 -21.67 7.71 7.47
N PHE A 83 -21.37 6.80 6.55
CA PHE A 83 -20.01 6.33 6.37
C PHE A 83 -19.30 7.09 5.27
N GLY A 84 -18.02 7.39 5.50
CA GLY A 84 -17.21 8.07 4.52
C GLY A 84 -17.51 9.56 4.45
N ILE A 85 -17.65 10.21 5.60
CA ILE A 85 -17.95 11.64 5.62
C ILE A 85 -16.75 12.48 5.17
N ASN A 86 -17.04 13.62 4.56
CA ASN A 86 -16.00 14.55 4.15
C ASN A 86 -16.07 15.74 5.10
N LYS A 87 -15.46 15.60 6.27
CA LYS A 87 -15.48 16.63 7.29
C LYS A 87 -14.29 17.57 7.06
N SER A 88 -14.51 18.86 7.32
CA SER A 88 -13.43 19.85 7.26
C SER A 88 -12.49 19.61 8.44
N ILE A 89 -11.20 19.60 8.14
CA ILE A 89 -10.19 19.41 9.16
C ILE A 89 -9.09 20.42 8.91
N ASP A 90 -8.26 20.64 9.92
CA ASP A 90 -7.05 21.43 9.73
C ASP A 90 -6.01 20.63 8.98
N ARG A 91 -5.14 21.33 8.24
CA ARG A 91 -3.99 20.68 7.62
C ARG A 91 -3.07 20.18 8.72
N TYR A 92 -2.73 18.90 8.63
CA TYR A 92 -1.91 18.22 9.62
C TYR A 92 -1.18 17.08 8.91
N VAL A 93 -0.09 16.61 9.50
CA VAL A 93 0.65 15.47 8.97
C VAL A 93 -0.04 14.12 9.28
N GLY A 94 -1.29 14.00 8.82
CA GLY A 94 -2.10 12.81 9.05
C GLY A 94 -1.64 11.61 8.23
N VAL A 95 -2.33 10.50 8.46
CA VAL A 95 -1.85 9.22 7.98
C VAL A 95 -2.13 8.83 6.52
N LEU A 96 -3.24 9.27 5.96
CA LEU A 96 -3.64 8.86 4.59
C LEU A 96 -3.52 10.00 3.60
N ASP A 97 -2.68 9.81 2.58
CA ASP A 97 -2.51 10.80 1.51
C ASP A 97 -3.34 10.40 0.28
N SER A 98 -4.31 11.24 -0.07
CA SER A 98 -5.08 11.04 -1.30
C SER A 98 -4.37 11.92 -2.32
N GLU A 99 -3.37 11.37 -3.00
CA GLU A 99 -2.56 12.15 -3.93
C GLU A 99 -3.17 12.17 -5.32
N ARG A 100 -3.64 13.36 -5.71
CA ARG A 100 -4.34 13.55 -6.96
C ARG A 100 -3.46 13.77 -8.20
N PHE A 101 -3.60 12.91 -9.19
CA PHE A 101 -2.99 13.16 -10.47
C PHE A 101 -4.14 13.52 -11.39
N SER A 102 -3.86 13.77 -12.66
CA SER A 102 -4.92 14.21 -13.53
C SER A 102 -6.01 13.16 -13.78
N GLY A 103 -5.60 11.90 -13.88
CA GLY A 103 -6.57 10.85 -14.19
C GLY A 103 -6.82 9.83 -13.10
N ILE A 104 -6.21 10.01 -11.93
CA ILE A 104 -6.35 9.04 -10.85
C ILE A 104 -5.86 9.59 -9.51
N LYS A 105 -6.51 9.17 -8.43
CA LYS A 105 -6.06 9.51 -7.09
C LYS A 105 -5.33 8.27 -6.52
N VAL A 106 -4.14 8.48 -5.99
CA VAL A 106 -3.36 7.39 -5.45
C VAL A 106 -3.28 7.49 -3.94
N TYR A 107 -4.02 6.62 -3.26
CA TYR A 107 -4.01 6.56 -1.79
C TYR A 107 -2.70 5.94 -1.27
N GLN A 108 -2.07 6.61 -0.31
CA GLN A 108 -0.78 6.17 0.22
C GLN A 108 -0.71 6.48 1.71
N GLY A 109 -0.03 5.62 2.47
CA GLY A 109 0.19 5.88 3.89
C GLY A 109 1.44 6.74 4.10
N ARG A 110 1.38 7.65 5.06
CA ARG A 110 2.48 8.56 5.36
C ARG A 110 2.79 8.44 6.84
N GLY A 111 4.04 8.13 7.16
CA GLY A 111 4.41 7.97 8.56
C GLY A 111 5.37 6.82 8.71
N VAL A 112 5.86 6.58 9.93
CA VAL A 112 6.81 5.50 10.16
C VAL A 112 6.03 4.18 10.01
N GLY A 113 6.34 3.43 8.95
CA GLY A 113 5.57 2.24 8.60
C GLY A 113 4.88 2.35 7.25
N GLY A 114 4.84 3.55 6.66
CA GLY A 114 4.23 3.73 5.35
C GLY A 114 2.82 3.18 5.18
N GLY A 115 2.58 2.52 4.05
CA GLY A 115 1.27 1.93 3.80
C GLY A 115 0.78 0.92 4.85
N SER A 116 1.69 0.33 5.63
CA SER A 116 1.27 -0.63 6.66
C SER A 116 0.39 0.02 7.74
N LEU A 117 0.51 1.33 7.92
CA LEU A 117 -0.32 2.02 8.89
C LEU A 117 -1.80 2.03 8.50
N VAL A 118 -2.07 2.12 7.20
CA VAL A 118 -3.43 2.36 6.72
C VAL A 118 -4.07 1.20 5.98
N ASN A 119 -3.30 0.16 5.67
CA ASN A 119 -3.81 -0.90 4.81
C ASN A 119 -4.68 -1.94 5.52
N GLY A 120 -5.31 -2.83 4.73
CA GLY A 120 -6.23 -3.79 5.31
C GLY A 120 -5.55 -5.04 5.84
N GLY A 121 -4.21 -5.05 5.84
CA GLY A 121 -3.45 -6.16 6.39
C GLY A 121 -3.43 -7.45 5.58
N MET A 122 -4.07 -7.45 4.42
CA MET A 122 -4.18 -8.69 3.62
C MET A 122 -2.83 -9.06 3.02
N ALA A 123 -2.36 -10.25 3.39
CA ALA A 123 -1.02 -10.70 3.06
C ALA A 123 -1.12 -11.93 2.15
N VAL A 124 -1.01 -11.68 0.85
CA VAL A 124 -1.26 -12.72 -0.16
C VAL A 124 -0.02 -13.00 -1.00
N THR A 125 0.34 -14.28 -1.11
CA THR A 125 1.44 -14.69 -1.97
C THR A 125 0.86 -14.88 -3.37
N PRO A 126 1.49 -14.27 -4.40
CA PRO A 126 0.95 -14.41 -5.75
C PRO A 126 1.05 -15.82 -6.28
N LYS A 127 0.25 -16.09 -7.31
CA LYS A 127 0.26 -17.41 -7.94
C LYS A 127 1.59 -17.60 -8.67
N ARG A 128 2.27 -18.70 -8.39
CA ARG A 128 3.56 -18.97 -8.99
C ARG A 128 3.57 -18.86 -10.50
N ASN A 129 2.52 -19.35 -11.13
CA ASN A 129 2.47 -19.33 -12.60
C ASN A 129 2.43 -17.91 -13.12
N TYR A 130 1.63 -17.06 -12.48
CA TYR A 130 1.56 -15.68 -12.91
C TYR A 130 2.87 -14.98 -12.55
N PHE A 131 3.40 -15.22 -11.35
CA PHE A 131 4.68 -14.68 -10.94
C PHE A 131 5.75 -15.00 -12.00
N GLU A 132 5.82 -16.27 -12.41
CA GLU A 132 6.81 -16.68 -13.40
C GLU A 132 6.66 -15.99 -14.76
N GLU A 133 5.44 -15.59 -15.10
CA GLU A 133 5.20 -14.90 -16.35
C GLU A 133 5.62 -13.43 -16.33
N ILE A 134 5.29 -12.72 -15.25
CA ILE A 134 5.50 -11.27 -15.17
C ILE A 134 6.89 -10.85 -14.72
N LEU A 135 7.57 -11.72 -13.98
CA LEU A 135 8.93 -11.46 -13.54
C LEU A 135 9.80 -12.63 -13.94
N PRO A 136 9.94 -12.87 -15.25
CA PRO A 136 10.73 -13.99 -15.76
C PRO A 136 12.19 -13.99 -15.41
N SER A 137 12.76 -12.83 -15.09
CA SER A 137 14.19 -12.74 -14.74
C SER A 137 14.51 -13.18 -13.30
N VAL A 138 13.49 -13.38 -12.49
CA VAL A 138 13.69 -13.72 -11.09
C VAL A 138 13.65 -15.26 -10.91
N ASP A 139 14.59 -15.81 -10.15
CA ASP A 139 14.59 -17.24 -9.88
C ASP A 139 13.39 -17.53 -8.96
N SER A 140 12.36 -18.17 -9.51
CA SER A 140 11.15 -18.41 -8.75
C SER A 140 11.32 -19.51 -7.71
N ASN A 141 12.31 -20.37 -7.88
CA ASN A 141 12.56 -21.41 -6.87
C ASN A 141 13.00 -20.76 -5.57
N GLU A 142 13.93 -19.82 -5.66
CA GLU A 142 14.39 -19.07 -4.50
C GLU A 142 13.24 -18.29 -3.85
N MET A 143 12.44 -17.62 -4.68
CA MET A 143 11.27 -16.92 -4.17
C MET A 143 10.32 -17.85 -3.40
N TYR A 144 9.95 -18.99 -3.96
CA TYR A 144 8.97 -19.84 -3.29
C TYR A 144 9.52 -20.72 -2.19
N ASN A 145 10.81 -21.07 -2.28
CA ASN A 145 11.47 -21.90 -1.26
C ASN A 145 11.96 -21.06 -0.08
N LYS A 146 12.22 -19.78 -0.31
CA LYS A 146 12.88 -19.00 0.72
C LYS A 146 12.38 -17.59 0.98
N TYR A 147 12.33 -16.74 -0.06
CA TYR A 147 11.98 -15.34 0.17
C TYR A 147 10.51 -15.05 0.51
N PHE A 148 9.58 -15.71 -0.16
CA PHE A 148 8.18 -15.57 0.21
C PHE A 148 7.92 -16.05 1.63
N PRO A 149 8.47 -17.22 2.03
CA PRO A 149 8.29 -17.69 3.42
C PRO A 149 8.91 -16.71 4.42
N ARG A 150 10.14 -16.26 4.14
CA ARG A 150 10.83 -15.28 4.99
C ARG A 150 9.96 -14.02 5.17
N ALA A 151 9.39 -13.52 4.07
CA ALA A 151 8.50 -12.36 4.13
C ALA A 151 7.24 -12.60 4.99
N ASN A 152 6.55 -13.72 4.77
CA ASN A 152 5.33 -14.02 5.51
C ASN A 152 5.60 -14.17 6.98
N THR A 153 6.70 -14.83 7.31
CA THR A 153 7.10 -15.01 8.69
C THR A 153 7.50 -13.67 9.34
N GLY A 154 8.33 -12.88 8.66
CA GLY A 154 8.74 -11.59 9.19
C GLY A 154 7.55 -10.63 9.40
N LEU A 155 6.57 -10.70 8.51
CA LEU A 155 5.39 -9.85 8.60
C LEU A 155 4.39 -10.25 9.68
N GLY A 156 4.51 -11.48 10.19
CA GLY A 156 3.59 -11.95 11.21
C GLY A 156 2.25 -12.37 10.65
N VAL A 157 2.27 -13.00 9.48
CA VAL A 157 1.05 -13.44 8.81
C VAL A 157 0.35 -14.57 9.57
N ASN A 158 -0.98 -14.51 9.65
CA ASN A 158 -1.78 -15.56 10.29
C ASN A 158 -3.14 -15.69 9.60
N ASN A 159 -3.83 -16.77 9.91
CA ASN A 159 -5.12 -17.03 9.30
C ASN A 159 -6.21 -17.02 10.34
N ILE A 160 -7.40 -16.63 9.92
CA ILE A 160 -8.54 -16.57 10.82
C ILE A 160 -9.00 -17.99 11.17
N ASP A 161 -9.47 -18.16 12.41
CA ASP A 161 -10.05 -19.42 12.86
C ASP A 161 -11.35 -19.54 12.07
N GLN A 162 -11.43 -20.56 11.22
CA GLN A 162 -12.58 -20.72 10.32
C GLN A 162 -13.89 -21.05 11.02
N ALA A 163 -13.80 -21.72 12.16
CA ALA A 163 -14.99 -22.01 12.96
C ALA A 163 -15.51 -20.70 13.58
N TRP A 164 -14.59 -19.88 14.06
CA TRP A 164 -14.98 -18.60 14.61
C TRP A 164 -15.58 -17.72 13.51
N PHE A 165 -14.94 -17.72 12.34
CA PHE A 165 -15.45 -16.97 11.19
C PHE A 165 -16.92 -17.35 10.89
N GLU A 166 -17.25 -18.64 10.93
CA GLU A 166 -18.58 -19.07 10.56
C GLU A 166 -19.63 -18.62 11.53
N SER A 167 -19.28 -18.53 12.80
CA SER A 167 -20.24 -18.17 13.83
C SER A 167 -20.37 -16.68 14.19
N THR A 168 -19.33 -15.89 13.99
CA THR A 168 -19.37 -14.51 14.46
C THR A 168 -20.24 -13.57 13.63
N GLU A 169 -20.96 -12.67 14.30
CA GLU A 169 -21.82 -11.76 13.54
C GLU A 169 -20.99 -10.74 12.73
N TRP A 170 -19.74 -10.55 13.18
CA TRP A 170 -18.82 -9.58 12.57
C TRP A 170 -18.41 -9.90 11.14
N TYR A 171 -18.58 -11.16 10.73
CA TYR A 171 -18.28 -11.57 9.36
C TYR A 171 -19.49 -12.03 8.56
N LYS A 172 -20.68 -11.66 9.02
CA LYS A 172 -21.88 -11.96 8.25
C LYS A 172 -21.78 -11.41 6.82
N PHE A 173 -21.18 -10.22 6.65
CA PHE A 173 -21.06 -9.62 5.30
C PHE A 173 -20.24 -10.53 4.36
N ALA A 174 -19.24 -11.19 4.92
CA ALA A 174 -18.35 -12.03 4.15
C ALA A 174 -19.08 -13.32 3.78
N ARG A 175 -19.87 -13.85 4.72
CA ARG A 175 -20.65 -15.06 4.46
C ARG A 175 -21.70 -14.81 3.36
N THR A 176 -22.36 -13.65 3.41
CA THR A 176 -23.30 -13.27 2.35
C THR A 176 -22.61 -13.14 0.98
N GLY A 177 -21.44 -12.48 0.95
CA GLY A 177 -20.67 -12.36 -0.26
C GLY A 177 -20.17 -13.73 -0.77
N ARG A 178 -19.82 -14.64 0.14
CA ARG A 178 -19.41 -15.99 -0.25
C ARG A 178 -20.58 -16.76 -0.87
N LYS A 179 -21.74 -16.65 -0.22
CA LYS A 179 -22.94 -17.36 -0.66
C LYS A 179 -23.30 -17.01 -2.11
N THR A 180 -23.39 -15.72 -2.43
CA THR A 180 -23.78 -15.33 -3.80
C THR A 180 -22.69 -15.58 -4.85
N ALA A 181 -21.42 -15.53 -4.44
CA ALA A 181 -20.33 -15.86 -5.35
C ALA A 181 -20.41 -17.35 -5.72
N GLN A 182 -20.55 -18.21 -4.72
CA GLN A 182 -20.58 -19.65 -4.94
C GLN A 182 -21.83 -20.11 -5.71
N ARG A 183 -22.97 -19.47 -5.48
CA ARG A 183 -24.18 -19.78 -6.23
C ARG A 183 -24.00 -19.56 -7.74
N SER A 184 -23.05 -18.70 -8.10
CA SER A 184 -22.74 -18.46 -9.50
C SER A 184 -21.50 -19.18 -10.00
N GLY A 185 -21.01 -20.14 -9.22
CA GLY A 185 -19.91 -20.97 -9.66
C GLY A 185 -18.52 -20.41 -9.46
N PHE A 186 -18.41 -19.30 -8.73
CA PHE A 186 -17.12 -18.67 -8.49
C PHE A 186 -16.45 -19.24 -7.26
N THR A 187 -15.13 -19.34 -7.32
CA THR A 187 -14.34 -19.86 -6.22
C THR A 187 -14.08 -18.75 -5.20
N THR A 188 -14.19 -19.07 -3.91
CA THR A 188 -13.85 -18.11 -2.87
C THR A 188 -12.66 -18.66 -2.10
N ALA A 189 -11.92 -17.77 -1.44
CA ALA A 189 -10.75 -18.17 -0.69
C ALA A 189 -10.60 -17.29 0.54
N PHE A 190 -10.15 -17.86 1.65
CA PHE A 190 -9.71 -17.07 2.77
C PHE A 190 -8.41 -16.34 2.43
N VAL A 191 -8.23 -15.17 3.03
CA VAL A 191 -7.07 -14.32 2.78
C VAL A 191 -6.29 -14.17 4.10
N PRO A 192 -4.99 -14.50 4.10
CA PRO A 192 -4.17 -14.35 5.32
C PRO A 192 -4.03 -12.84 5.68
N ASN A 193 -3.64 -12.54 6.91
CA ASN A 193 -3.57 -11.15 7.35
C ASN A 193 -2.52 -10.95 8.44
N VAL A 194 -2.06 -9.72 8.61
CA VAL A 194 -1.14 -9.41 9.69
C VAL A 194 -1.91 -8.94 10.93
N TYR A 195 -3.25 -8.86 10.82
CA TYR A 195 -4.05 -8.52 11.99
C TYR A 195 -4.08 -9.75 12.87
N ASP A 196 -3.82 -9.57 14.15
CA ASP A 196 -3.83 -10.66 15.11
C ASP A 196 -5.28 -11.15 15.32
N PHE A 197 -5.62 -12.28 14.73
CA PHE A 197 -6.98 -12.82 14.83
C PHE A 197 -7.35 -13.33 16.22
N GLU A 198 -6.35 -13.69 17.03
CA GLU A 198 -6.59 -14.09 18.41
C GLU A 198 -7.05 -12.85 19.19
N TYR A 199 -6.44 -11.71 18.89
CA TYR A 199 -6.87 -10.45 19.50
C TYR A 199 -8.29 -10.13 19.08
N MET A 200 -8.62 -10.39 17.82
CA MET A 200 -9.97 -10.10 17.33
C MET A 200 -11.07 -10.87 18.07
N LYS A 201 -10.84 -12.15 18.38
CA LYS A 201 -11.79 -12.96 19.15
C LYS A 201 -12.09 -12.28 20.50
N LYS A 202 -11.05 -11.74 21.13
CA LYS A 202 -11.18 -11.06 22.42
C LYS A 202 -11.92 -9.72 22.29
N GLU A 203 -11.77 -9.07 21.13
CA GLU A 203 -12.50 -7.86 20.85
C GLU A 203 -13.98 -8.22 20.81
N ALA A 204 -14.31 -9.30 20.10
CA ALA A 204 -15.68 -9.77 19.98
C ALA A 204 -16.28 -10.18 21.35
N ALA A 205 -15.43 -10.73 22.22
CA ALA A 205 -15.86 -11.11 23.56
C ALA A 205 -15.95 -9.91 24.49
N GLY A 206 -15.53 -8.74 24.00
CA GLY A 206 -15.57 -7.53 24.80
C GLY A 206 -14.50 -7.48 25.88
N GLN A 207 -13.41 -8.20 25.68
CA GLN A 207 -12.37 -8.27 26.70
C GLN A 207 -11.18 -7.32 26.44
N VAL A 208 -11.07 -6.83 25.22
CA VAL A 208 -9.98 -5.91 24.87
C VAL A 208 -10.55 -4.77 24.05
N THR A 209 -9.80 -3.67 23.96
CA THR A 209 -10.23 -2.51 23.18
C THR A 209 -10.44 -2.88 21.71
N LYS A 210 -11.61 -2.53 21.17
CA LYS A 210 -11.93 -2.83 19.78
C LYS A 210 -11.21 -1.89 18.82
N SER A 211 -10.70 -2.43 17.73
CA SER A 211 -10.05 -1.65 16.70
C SER A 211 -10.64 -2.13 15.38
N GLY A 212 -10.27 -3.35 14.94
CA GLY A 212 -10.88 -3.96 13.76
C GLY A 212 -12.40 -4.17 13.89
N LEU A 213 -12.86 -4.35 15.13
CA LEU A 213 -14.29 -4.48 15.40
C LEU A 213 -14.81 -3.14 15.95
N GLY A 214 -14.03 -2.08 15.77
CA GLY A 214 -14.42 -0.77 16.25
C GLY A 214 -14.32 0.37 15.24
N GLY A 215 -14.54 0.07 13.96
CA GLY A 215 -14.56 1.11 12.94
C GLY A 215 -13.22 1.71 12.55
N GLU A 216 -12.13 0.98 12.79
CA GLU A 216 -10.79 1.45 12.47
C GLU A 216 -10.10 0.62 11.42
N VAL A 217 -9.53 1.30 10.42
CA VAL A 217 -8.55 0.67 9.54
C VAL A 217 -7.78 1.65 8.64
N ILE A 218 -8.53 2.42 7.84
CA ILE A 218 -7.90 3.26 6.81
C ILE A 218 -7.17 4.49 7.35
N TYR A 219 -7.48 4.90 8.58
CA TYR A 219 -6.75 5.98 9.24
C TYR A 219 -5.93 5.42 10.40
N GLY A 220 -5.66 4.11 10.34
CA GLY A 220 -4.83 3.47 11.35
C GLY A 220 -5.61 2.57 12.28
N ASN A 221 -4.91 1.68 12.95
CA ASN A 221 -5.49 0.77 13.92
C ASN A 221 -4.78 0.94 15.27
N ASN A 222 -5.55 1.29 16.29
CA ASN A 222 -5.01 1.46 17.64
C ASN A 222 -4.61 0.15 18.30
N ALA A 223 -5.09 -0.97 17.75
CA ALA A 223 -4.72 -2.28 18.24
C ALA A 223 -4.89 -3.36 17.18
N GLY A 224 -4.34 -4.54 17.44
CA GLY A 224 -4.53 -5.70 16.57
C GLY A 224 -3.71 -5.81 15.29
N LYS A 225 -3.64 -4.74 14.51
CA LYS A 225 -2.94 -4.78 13.23
C LYS A 225 -1.42 -4.67 13.39
N LYS A 226 -0.71 -5.68 12.89
CA LYS A 226 0.75 -5.64 12.98
C LYS A 226 1.39 -4.83 11.86
N SER A 227 1.38 -3.50 12.05
CA SER A 227 2.02 -2.57 11.12
C SER A 227 3.53 -2.74 11.27
N LEU A 228 4.30 -2.20 10.33
CA LEU A 228 5.73 -2.44 10.26
C LEU A 228 6.52 -1.95 11.47
N ASP A 229 6.01 -0.91 12.13
CA ASP A 229 6.64 -0.42 13.35
C ASP A 229 6.59 -1.47 14.48
N LYS A 230 5.68 -2.46 14.37
CA LYS A 230 5.59 -3.52 15.36
C LYS A 230 6.40 -4.77 14.95
N THR A 231 6.76 -4.89 13.68
CA THR A 231 7.49 -6.05 13.21
C THR A 231 8.89 -5.72 12.69
N TYR A 232 9.05 -5.54 11.38
CA TYR A 232 10.37 -5.28 10.79
C TYR A 232 11.14 -4.12 11.44
N LEU A 233 10.45 -2.99 11.67
CA LEU A 233 11.13 -1.80 12.21
C LEU A 233 11.47 -1.95 13.67
N ALA A 234 10.67 -2.70 14.42
CA ALA A 234 10.96 -2.96 15.82
C ALA A 234 12.21 -3.85 15.92
N GLN A 235 12.31 -4.81 15.00
CA GLN A 235 13.46 -5.71 14.95
C GLN A 235 14.72 -4.96 14.51
N ALA A 236 14.57 -4.06 13.54
CA ALA A 236 15.70 -3.26 13.08
C ALA A 236 16.18 -2.35 14.23
N ALA A 237 15.23 -1.71 14.93
CA ALA A 237 15.58 -0.84 16.06
C ALA A 237 16.22 -1.62 17.21
N ALA A 238 15.88 -2.90 17.36
CA ALA A 238 16.44 -3.70 18.44
C ALA A 238 17.95 -3.92 18.30
N THR A 239 18.48 -3.74 17.09
CA THR A 239 19.92 -3.93 16.87
C THR A 239 20.73 -2.81 17.51
N GLY A 240 20.07 -1.69 17.79
CA GLY A 240 20.77 -0.51 18.26
C GLY A 240 21.47 0.29 17.17
N LYS A 241 21.28 -0.07 15.89
CA LYS A 241 21.97 0.59 14.78
C LYS A 241 21.05 1.40 13.86
N LEU A 242 19.80 1.57 14.26
CA LEU A 242 18.85 2.27 13.43
C LEU A 242 18.57 3.65 13.99
N THR A 243 18.54 4.65 13.11
CA THR A 243 18.09 5.98 13.48
C THR A 243 16.96 6.34 12.53
N ILE A 244 15.86 6.80 13.07
CA ILE A 244 14.77 7.22 12.21
C ILE A 244 14.58 8.71 12.36
N THR A 245 14.66 9.43 11.24
CA THR A 245 14.41 10.86 11.22
C THR A 245 13.06 11.06 10.53
N THR A 246 12.12 11.63 11.27
CA THR A 246 10.75 11.86 10.78
C THR A 246 10.51 13.34 10.38
N LEU A 247 9.40 13.57 9.70
CA LEU A 247 9.06 14.91 9.20
C LEU A 247 10.15 15.53 8.30
N HIS A 248 10.84 14.68 7.53
CA HIS A 248 11.82 15.14 6.55
C HIS A 248 11.48 14.56 5.18
N ARG A 249 11.20 15.45 4.24
CA ARG A 249 10.88 15.07 2.87
C ARG A 249 12.14 15.18 2.01
N VAL A 250 12.59 14.06 1.42
CA VAL A 250 13.73 14.12 0.51
C VAL A 250 13.26 14.74 -0.80
N THR A 251 14.03 15.72 -1.29
CA THR A 251 13.65 16.46 -2.49
C THR A 251 14.68 16.34 -3.60
N LYS A 252 15.88 15.93 -3.27
CA LYS A 252 16.95 15.89 -4.25
C LYS A 252 18.02 14.89 -3.86
N VAL A 253 18.49 14.16 -4.86
CA VAL A 253 19.63 13.25 -4.70
C VAL A 253 20.55 13.52 -5.90
N ALA A 254 21.82 13.78 -5.62
CA ALA A 254 22.79 14.04 -6.67
C ALA A 254 24.15 13.54 -6.20
N PRO A 255 25.07 13.24 -7.15
CA PRO A 255 26.41 12.77 -6.77
C PRO A 255 27.11 13.87 -5.96
N ALA A 256 27.77 13.48 -4.87
CA ALA A 256 28.50 14.45 -4.06
C ALA A 256 29.90 14.61 -4.65
N THR A 257 30.67 15.57 -4.15
CA THR A 257 32.03 15.73 -4.65
C THR A 257 32.91 14.66 -4.03
N GLY A 258 33.71 13.99 -4.85
CA GLY A 258 34.60 12.97 -4.32
C GLY A 258 33.96 11.59 -4.28
N SER A 259 32.80 11.47 -3.63
CA SER A 259 32.10 10.19 -3.53
C SER A 259 30.77 10.29 -2.78
N GLY A 260 29.92 9.29 -2.95
CA GLY A 260 28.63 9.33 -2.29
C GLY A 260 27.67 10.28 -2.98
N TYR A 261 26.57 10.54 -2.29
CA TYR A 261 25.47 11.30 -2.85
C TYR A 261 24.99 12.34 -1.86
N SER A 262 24.75 13.54 -2.36
CA SER A 262 24.15 14.60 -1.57
C SER A 262 22.64 14.40 -1.57
N VAL A 263 22.05 14.35 -0.39
CA VAL A 263 20.64 14.13 -0.23
C VAL A 263 20.06 15.38 0.42
N THR A 264 19.24 16.08 -0.33
CA THR A 264 18.58 17.29 0.18
C THR A 264 17.20 16.94 0.72
N MET A 265 16.89 17.44 1.89
CA MET A 265 15.59 17.23 2.51
C MET A 265 15.01 18.49 3.12
N GLU A 266 13.68 18.58 3.07
CA GLU A 266 12.94 19.65 3.71
C GLU A 266 12.38 19.15 5.02
N GLN A 267 12.76 19.79 6.11
CA GLN A 267 12.14 19.50 7.40
C GLN A 267 10.83 20.29 7.50
N ILE A 268 9.75 19.61 7.89
CA ILE A 268 8.45 20.28 8.01
C ILE A 268 7.95 20.16 9.42
N ASP A 269 7.11 21.12 9.83
CA ASP A 269 6.48 21.04 11.13
C ASP A 269 5.19 20.24 10.95
N GLU A 270 4.41 20.08 12.01
CA GLU A 270 3.22 19.22 11.93
C GLU A 270 2.07 19.78 11.12
N GLN A 271 2.21 21.02 10.67
CA GLN A 271 1.23 21.67 9.80
C GLN A 271 1.70 21.68 8.35
N GLY A 272 2.82 21.01 8.09
CA GLY A 272 3.33 20.92 6.74
C GLY A 272 4.17 22.09 6.25
N ASN A 273 4.45 23.06 7.13
CA ASN A 273 5.29 24.19 6.76
C ASN A 273 6.76 23.76 6.74
N VAL A 274 7.47 24.11 5.69
CA VAL A 274 8.93 23.85 5.66
C VAL A 274 9.62 24.76 6.69
N VAL A 275 10.29 24.18 7.67
CA VAL A 275 10.95 24.96 8.71
C VAL A 275 12.48 25.05 8.53
N ALA A 276 13.04 24.13 7.74
CA ALA A 276 14.47 24.15 7.43
C ALA A 276 14.77 23.22 6.26
N THR A 277 15.91 23.40 5.59
CA THR A 277 16.36 22.45 4.59
C THR A 277 17.78 22.00 4.95
N LYS A 278 18.09 20.72 4.72
CA LYS A 278 19.37 20.12 5.08
C LYS A 278 19.91 19.32 3.92
N VAL A 279 21.23 19.18 3.88
CA VAL A 279 21.88 18.32 2.89
C VAL A 279 22.82 17.42 3.67
N VAL A 280 22.66 16.12 3.49
CA VAL A 280 23.52 15.13 4.12
C VAL A 280 24.19 14.34 3.00
N THR A 281 25.33 13.74 3.30
CA THR A 281 26.03 12.91 2.31
C THR A 281 25.95 11.46 2.75
N ALA A 282 25.58 10.60 1.81
CA ALA A 282 25.42 9.18 2.08
C ALA A 282 26.22 8.38 1.08
N ASP A 283 26.89 7.34 1.56
CA ASP A 283 27.65 6.46 0.69
C ASP A 283 26.70 5.61 -0.17
N ARG A 284 25.63 5.13 0.45
CA ARG A 284 24.64 4.32 -0.23
C ARG A 284 23.25 4.83 0.10
N VAL A 285 22.42 4.93 -0.93
CA VAL A 285 21.05 5.40 -0.79
C VAL A 285 20.09 4.31 -1.29
N PHE A 286 19.08 4.03 -0.48
CA PHE A 286 18.08 3.01 -0.81
C PHE A 286 16.73 3.71 -0.98
N PHE A 287 16.25 3.79 -2.21
CA PHE A 287 14.95 4.40 -2.48
C PHE A 287 13.82 3.46 -2.11
N ALA A 288 13.03 3.88 -1.15
CA ALA A 288 11.89 3.09 -0.69
C ALA A 288 10.71 4.02 -0.41
N ALA A 289 10.58 5.05 -1.24
CA ALA A 289 9.52 6.05 -1.10
C ALA A 289 8.21 5.62 -1.73
N GLY A 290 8.15 4.36 -2.22
CA GLY A 290 6.93 3.86 -2.83
C GLY A 290 6.93 4.00 -4.35
N SER A 291 6.02 3.28 -5.00
CA SER A 291 5.91 3.36 -6.45
C SER A 291 5.83 4.82 -6.94
N VAL A 292 5.00 5.63 -6.29
CA VAL A 292 4.87 7.02 -6.70
C VAL A 292 6.06 7.86 -6.19
N GLY A 293 6.38 7.72 -4.91
CA GLY A 293 7.43 8.55 -4.32
C GLY A 293 8.80 8.39 -4.94
N THR A 294 9.20 7.15 -5.17
CA THR A 294 10.50 6.88 -5.81
C THR A 294 10.48 7.28 -7.28
N SER A 295 9.38 7.00 -7.98
CA SER A 295 9.30 7.38 -9.38
C SER A 295 9.37 8.91 -9.56
N LYS A 296 8.65 9.65 -8.74
CA LYS A 296 8.71 11.11 -8.83
C LYS A 296 10.13 11.63 -8.62
N LEU A 297 10.79 11.12 -7.59
CA LEU A 297 12.16 11.52 -7.30
C LEU A 297 13.12 11.26 -8.46
N LEU A 298 13.13 10.03 -8.98
CA LEU A 298 14.10 9.69 -10.02
C LEU A 298 13.79 10.37 -11.35
N VAL A 299 12.51 10.49 -11.70
CA VAL A 299 12.11 11.18 -12.92
C VAL A 299 12.53 12.66 -12.85
N SER A 300 12.36 13.30 -11.69
CA SER A 300 12.80 14.68 -11.47
C SER A 300 14.31 14.83 -11.51
N MET A 301 15.04 13.94 -10.85
CA MET A 301 16.49 14.03 -10.82
C MET A 301 17.07 13.92 -12.22
N LYS A 302 16.47 13.03 -13.02
CA LYS A 302 16.95 12.84 -14.38
C LYS A 302 16.65 14.05 -15.24
N ALA A 303 15.42 14.54 -15.17
CA ALA A 303 15.00 15.69 -15.98
C ALA A 303 15.74 16.98 -15.62
N GLN A 304 16.07 17.14 -14.35
CA GLN A 304 16.73 18.36 -13.88
C GLN A 304 18.26 18.31 -13.93
N GLY A 305 18.77 17.23 -14.52
CA GLY A 305 20.19 17.07 -14.71
C GLY A 305 21.02 16.64 -13.52
N HIS A 306 20.38 16.16 -12.46
CA HIS A 306 21.10 15.74 -11.25
C HIS A 306 21.58 14.31 -11.35
N LEU A 307 20.75 13.44 -11.92
CA LEU A 307 21.16 12.08 -12.22
C LEU A 307 20.79 11.90 -13.68
N PRO A 308 21.45 12.65 -14.57
CA PRO A 308 21.13 12.60 -16.01
C PRO A 308 21.35 11.28 -16.72
N ASN A 309 22.17 10.42 -16.14
CA ASN A 309 22.52 9.15 -16.78
C ASN A 309 21.61 7.98 -16.44
N LEU A 310 20.50 8.24 -15.78
CA LEU A 310 19.56 7.17 -15.46
C LEU A 310 18.93 6.64 -16.74
N SER A 311 18.51 5.38 -16.68
CA SER A 311 17.91 4.70 -17.81
C SER A 311 16.69 5.44 -18.38
N SER A 312 16.50 5.33 -19.69
CA SER A 312 15.29 5.83 -20.34
C SER A 312 14.02 5.15 -19.75
N GLN A 313 14.20 3.97 -19.14
CA GLN A 313 13.08 3.23 -18.57
C GLN A 313 12.56 3.82 -17.25
N VAL A 314 13.34 4.73 -16.66
CA VAL A 314 12.90 5.37 -15.44
C VAL A 314 11.62 6.16 -15.72
N GLY A 315 10.55 5.86 -14.98
CA GLY A 315 9.27 6.51 -15.19
C GLY A 315 8.26 5.66 -15.95
N GLU A 316 8.72 4.59 -16.60
CA GLU A 316 7.90 3.76 -17.46
C GLU A 316 7.22 2.59 -16.75
N GLY A 317 6.08 2.17 -17.30
CA GLY A 317 5.43 0.95 -16.82
C GLY A 317 4.73 1.01 -15.48
N TRP A 318 4.16 2.17 -15.16
CA TRP A 318 3.35 2.30 -13.95
C TRP A 318 1.98 1.67 -14.19
N GLY A 319 1.47 0.98 -13.18
CA GLY A 319 0.13 0.43 -13.24
C GLY A 319 -0.58 0.59 -11.90
N ASN A 320 -1.84 0.22 -11.88
CA ASN A 320 -2.69 0.47 -10.72
C ASN A 320 -3.23 -0.83 -10.10
N ASN A 321 -2.57 -1.94 -10.43
CA ASN A 321 -2.98 -3.29 -10.00
C ASN A 321 -4.43 -3.53 -10.40
N GLY A 322 -4.84 -2.91 -11.52
CA GLY A 322 -6.19 -3.02 -12.05
C GLY A 322 -7.34 -2.74 -11.08
N ASN A 323 -7.11 -1.90 -10.07
CA ASN A 323 -8.12 -1.66 -9.01
C ASN A 323 -9.45 -1.10 -9.54
N ILE A 324 -10.55 -1.77 -9.19
CA ILE A 324 -11.90 -1.29 -9.51
C ILE A 324 -12.77 -1.60 -8.29
N MET A 325 -13.56 -0.64 -7.83
CA MET A 325 -14.43 -0.90 -6.68
C MET A 325 -15.87 -0.86 -7.17
N VAL A 326 -16.72 -1.73 -6.62
CA VAL A 326 -18.13 -1.76 -6.98
C VAL A 326 -18.99 -2.32 -5.83
N GLY A 327 -20.27 -1.96 -5.82
CA GLY A 327 -21.17 -2.45 -4.80
C GLY A 327 -22.44 -2.94 -5.46
N ARG A 328 -23.00 -4.00 -4.90
CA ARG A 328 -24.25 -4.60 -5.40
C ARG A 328 -25.27 -4.51 -4.28
N ALA A 329 -26.53 -4.46 -4.66
CA ALA A 329 -27.65 -4.43 -3.72
C ALA A 329 -28.16 -5.85 -3.51
N ASN A 330 -28.07 -6.36 -2.29
CA ASN A 330 -28.68 -7.66 -1.97
C ASN A 330 -30.20 -7.53 -1.73
N HIS A 331 -30.94 -8.60 -1.97
CA HIS A 331 -32.34 -8.65 -1.56
C HIS A 331 -32.43 -8.77 -0.03
N MET A 332 -33.60 -8.52 0.52
CA MET A 332 -33.75 -8.46 1.97
C MET A 332 -33.38 -9.71 2.76
N TRP A 333 -33.44 -10.88 2.12
CA TRP A 333 -33.07 -12.11 2.78
C TRP A 333 -31.55 -12.34 2.83
N ASP A 334 -30.80 -11.48 2.16
CA ASP A 334 -29.33 -11.57 2.16
C ASP A 334 -28.71 -10.33 2.82
N ALA A 335 -29.05 -10.12 4.09
CA ALA A 335 -28.51 -9.01 4.86
C ALA A 335 -27.00 -9.19 5.03
N THR A 336 -26.27 -8.09 5.16
CA THR A 336 -24.83 -8.16 5.36
C THR A 336 -24.41 -7.83 6.81
N GLY A 337 -25.38 -7.38 7.62
CA GLY A 337 -25.13 -7.16 9.04
C GLY A 337 -24.82 -5.75 9.44
N SER A 338 -25.20 -5.36 10.66
CA SER A 338 -24.88 -4.02 11.16
C SER A 338 -23.52 -4.02 11.86
N LYS A 339 -23.02 -5.20 12.23
CA LYS A 339 -21.70 -5.32 12.85
C LYS A 339 -20.71 -5.92 11.85
N GLN A 340 -19.79 -5.12 11.35
CA GLN A 340 -18.83 -5.61 10.37
C GLN A 340 -17.40 -5.32 10.78
N ALA A 341 -16.58 -6.36 10.83
CA ALA A 341 -15.14 -6.19 11.01
C ALA A 341 -14.60 -5.34 9.83
N THR A 342 -13.60 -4.51 10.09
CA THR A 342 -13.03 -3.67 9.05
C THR A 342 -11.95 -4.41 8.25
N ILE A 343 -11.60 -5.62 8.71
CA ILE A 343 -10.52 -6.39 8.10
C ILE A 343 -11.09 -7.49 7.17
N PRO A 344 -10.95 -7.35 5.84
CA PRO A 344 -11.49 -8.37 4.93
C PRO A 344 -10.75 -9.70 5.10
N THR A 345 -11.47 -10.81 5.00
CA THR A 345 -10.85 -12.13 5.19
C THR A 345 -11.15 -13.09 4.04
N MET A 346 -11.97 -12.65 3.09
CA MET A 346 -12.38 -13.49 1.99
C MET A 346 -12.42 -12.79 0.65
N GLY A 347 -11.99 -13.51 -0.40
CA GLY A 347 -12.07 -12.98 -1.75
C GLY A 347 -12.67 -13.96 -2.74
N ILE A 348 -12.99 -13.45 -3.91
CA ILE A 348 -13.45 -14.25 -5.03
C ILE A 348 -12.25 -14.36 -5.98
N ASP A 349 -11.77 -15.57 -6.18
CA ASP A 349 -10.61 -15.83 -7.02
C ASP A 349 -11.02 -16.39 -8.38
N ASN A 350 -11.03 -15.53 -9.41
CA ASN A 350 -11.36 -15.93 -10.76
C ASN A 350 -10.18 -15.62 -11.67
N TRP A 351 -8.99 -15.65 -11.11
CA TRP A 351 -7.82 -15.23 -11.88
C TRP A 351 -7.53 -16.19 -13.03
N ALA A 352 -7.85 -17.46 -12.85
CA ALA A 352 -7.57 -18.47 -13.86
C ALA A 352 -8.42 -18.34 -15.13
N ASP A 353 -9.51 -17.57 -15.06
CA ASP A 353 -10.40 -17.44 -16.18
C ASP A 353 -9.89 -16.34 -17.13
N PRO A 354 -9.40 -16.74 -18.32
CA PRO A 354 -8.85 -15.81 -19.32
C PRO A 354 -9.83 -14.72 -19.76
N THR A 355 -11.12 -15.01 -19.68
CA THR A 355 -12.09 -14.03 -20.10
C THR A 355 -12.51 -13.00 -19.02
N ALA A 356 -12.24 -13.29 -17.75
CA ALA A 356 -12.58 -12.36 -16.67
C ALA A 356 -11.61 -12.62 -15.51
N PRO A 357 -10.32 -12.35 -15.74
CA PRO A 357 -9.30 -12.60 -14.73
C PRO A 357 -9.29 -11.51 -13.65
N ILE A 358 -9.98 -11.80 -12.55
CA ILE A 358 -10.07 -10.91 -11.40
C ILE A 358 -9.89 -11.67 -10.09
N PHE A 359 -9.40 -10.94 -9.08
CA PHE A 359 -9.36 -11.45 -7.72
C PHE A 359 -9.99 -10.29 -6.95
N ALA A 360 -11.18 -10.53 -6.40
CA ALA A 360 -11.95 -9.49 -5.72
C ALA A 360 -12.07 -9.70 -4.23
N GLU A 361 -11.69 -8.71 -3.45
CA GLU A 361 -11.92 -8.82 -2.02
C GLU A 361 -13.38 -8.46 -1.70
N ILE A 362 -13.98 -9.25 -0.80
CA ILE A 362 -15.32 -8.95 -0.30
C ILE A 362 -15.02 -7.98 0.85
N ALA A 363 -15.32 -6.71 0.60
CA ALA A 363 -14.91 -5.63 1.49
C ALA A 363 -16.04 -5.25 2.40
N PRO A 364 -15.70 -4.88 3.67
CA PRO A 364 -16.75 -4.43 4.60
C PRO A 364 -17.19 -2.99 4.27
N LEU A 365 -18.39 -2.62 4.71
CA LEU A 365 -18.86 -1.22 4.65
C LEU A 365 -19.41 -1.07 6.06
N PRO A 366 -18.52 -0.85 7.04
CA PRO A 366 -18.86 -0.76 8.45
C PRO A 366 -19.58 0.51 8.88
N ALA A 367 -20.77 0.71 8.32
CA ALA A 367 -21.56 1.89 8.60
C ALA A 367 -22.30 1.78 9.94
N GLY A 368 -22.37 0.57 10.50
CA GLY A 368 -23.01 0.35 11.79
C GLY A 368 -24.51 0.14 11.72
N LEU A 369 -25.03 -0.06 10.51
CA LEU A 369 -26.46 -0.30 10.32
C LEU A 369 -26.61 -1.23 9.11
N GLU A 370 -27.79 -1.79 8.93
CA GLU A 370 -28.01 -2.71 7.82
C GLU A 370 -28.20 -1.96 6.50
N THR A 371 -27.27 -2.11 5.57
CA THR A 371 -27.36 -1.42 4.29
C THR A 371 -27.69 -2.37 3.12
N TYR A 372 -27.55 -3.69 3.34
CA TYR A 372 -27.73 -4.73 2.30
C TYR A 372 -26.71 -4.65 1.15
N VAL A 373 -25.64 -3.89 1.34
CA VAL A 373 -24.68 -3.71 0.26
C VAL A 373 -23.57 -4.74 0.35
N SER A 374 -23.26 -5.38 -0.77
CA SER A 374 -22.04 -6.18 -0.85
C SER A 374 -21.06 -5.29 -1.63
N LEU A 375 -19.93 -4.98 -1.00
CA LEU A 375 -18.91 -4.11 -1.55
C LEU A 375 -17.69 -4.96 -1.95
N TYR A 376 -17.10 -4.64 -3.09
CA TYR A 376 -15.95 -5.40 -3.61
C TYR A 376 -14.83 -4.49 -4.14
N LEU A 377 -13.59 -4.86 -3.86
CA LEU A 377 -12.48 -4.20 -4.50
C LEU A 377 -11.81 -5.28 -5.35
N ALA A 378 -11.88 -5.10 -6.67
CA ALA A 378 -11.36 -6.07 -7.62
C ALA A 378 -9.99 -5.71 -8.12
N ILE A 379 -9.09 -6.69 -8.10
CA ILE A 379 -7.83 -6.61 -8.83
C ILE A 379 -8.13 -7.31 -10.17
N THR A 380 -7.98 -6.60 -11.28
CA THR A 380 -8.25 -7.14 -12.61
C THR A 380 -6.94 -7.19 -13.40
N LYS A 381 -6.84 -8.10 -14.37
CA LYS A 381 -5.62 -8.20 -15.16
C LYS A 381 -5.66 -7.19 -16.31
N ASN A 382 -5.72 -5.91 -15.95
CA ASN A 382 -5.77 -4.81 -16.89
C ASN A 382 -4.35 -4.60 -17.46
N PRO A 383 -4.18 -4.76 -18.79
CA PRO A 383 -2.86 -4.61 -19.42
C PRO A 383 -2.36 -3.15 -19.55
N GLU A 384 -3.24 -2.18 -19.31
CA GLU A 384 -2.93 -0.77 -19.50
C GLU A 384 -1.85 -0.32 -18.52
N ARG A 385 -0.92 0.50 -19.00
CA ARG A 385 0.13 1.08 -18.16
C ARG A 385 0.26 2.57 -18.49
N ALA A 386 0.99 3.30 -17.64
CA ALA A 386 1.20 4.72 -17.86
C ALA A 386 2.63 5.06 -17.44
N ARG A 387 3.01 6.31 -17.60
CA ARG A 387 4.35 6.73 -17.22
C ARG A 387 4.32 8.05 -16.45
N PHE A 388 5.40 8.30 -15.71
CA PHE A 388 5.57 9.58 -15.03
C PHE A 388 6.45 10.44 -15.93
N GLN A 389 6.13 11.72 -16.02
CA GLN A 389 6.96 12.63 -16.79
C GLN A 389 7.06 13.98 -16.10
N PHE A 390 8.26 14.54 -16.11
CA PHE A 390 8.53 15.83 -15.50
C PHE A 390 7.87 16.95 -16.28
N ASN A 391 7.15 17.83 -15.60
CA ASN A 391 6.50 18.92 -16.26
C ASN A 391 7.38 20.15 -16.03
N SER A 392 8.05 20.60 -17.09
CA SER A 392 8.93 21.78 -17.02
C SER A 392 8.17 23.04 -16.57
N GLY A 393 7.00 23.26 -17.17
CA GLY A 393 6.21 24.42 -16.82
C GLY A 393 5.96 24.50 -15.33
N THR A 394 5.48 23.41 -14.76
CA THR A 394 5.06 23.40 -13.35
C THR A 394 6.15 22.98 -12.38
N GLY A 395 7.20 22.36 -12.91
CA GLY A 395 8.26 21.80 -12.06
C GLY A 395 7.84 20.53 -11.33
N LYS A 396 6.68 19.98 -11.71
CA LYS A 396 6.12 18.81 -11.02
C LYS A 396 6.16 17.57 -11.91
N VAL A 397 6.10 16.38 -11.29
CA VAL A 397 6.05 15.13 -12.05
C VAL A 397 4.58 14.74 -12.29
N ASP A 398 4.21 14.59 -13.55
CA ASP A 398 2.85 14.21 -13.90
C ASP A 398 2.78 12.71 -14.15
N LEU A 399 1.59 12.15 -13.98
CA LEU A 399 1.34 10.73 -14.25
C LEU A 399 0.36 10.70 -15.43
N THR A 400 0.74 10.05 -16.52
CA THR A 400 -0.06 10.09 -17.74
C THR A 400 -1.32 9.21 -17.73
N TRP A 401 -1.59 8.52 -16.61
CA TRP A 401 -2.72 7.61 -16.54
C TRP A 401 -4.03 8.38 -16.77
N ALA A 402 -4.87 7.81 -17.62
CA ALA A 402 -6.17 8.36 -17.89
C ALA A 402 -7.23 7.43 -17.33
N GLN A 403 -8.30 8.01 -16.82
CA GLN A 403 -9.38 7.24 -16.22
C GLN A 403 -9.99 6.24 -17.21
N SER A 404 -9.98 6.59 -18.49
CA SER A 404 -10.48 5.70 -19.53
C SER A 404 -9.69 4.38 -19.63
N GLN A 405 -8.45 4.39 -19.14
CA GLN A 405 -7.62 3.18 -19.15
C GLN A 405 -8.15 2.12 -18.18
N ASN A 406 -9.06 2.51 -17.29
CA ASN A 406 -9.70 1.54 -16.41
C ASN A 406 -10.85 0.78 -17.10
N GLN A 407 -11.21 1.17 -18.32
CA GLN A 407 -12.32 0.51 -19.02
C GLN A 407 -12.14 -1.02 -19.16
N LYS A 408 -10.94 -1.48 -19.53
CA LYS A 408 -10.68 -2.91 -19.65
C LYS A 408 -10.89 -3.65 -18.34
N GLY A 409 -10.51 -3.01 -17.23
CA GLY A 409 -10.72 -3.61 -15.93
C GLY A 409 -12.20 -3.70 -15.57
N ILE A 410 -12.97 -2.65 -15.87
CA ILE A 410 -14.41 -2.66 -15.63
C ILE A 410 -15.06 -3.78 -16.44
N ASP A 411 -14.66 -3.93 -17.69
CA ASP A 411 -15.20 -4.99 -18.53
C ASP A 411 -14.94 -6.37 -17.94
N MET A 412 -13.75 -6.58 -17.38
CA MET A 412 -13.43 -7.84 -16.73
C MET A 412 -14.26 -8.05 -15.46
N ALA A 413 -14.33 -7.03 -14.60
CA ALA A 413 -15.10 -7.12 -13.37
C ALA A 413 -16.57 -7.38 -13.66
N LYS A 414 -17.09 -6.71 -14.67
CA LYS A 414 -18.48 -6.79 -15.07
C LYS A 414 -18.89 -8.22 -15.44
N LYS A 415 -17.97 -8.95 -16.07
CA LYS A 415 -18.28 -10.32 -16.47
C LYS A 415 -18.64 -11.18 -15.26
N VAL A 416 -17.95 -10.95 -14.14
CA VAL A 416 -18.22 -11.71 -12.93
C VAL A 416 -19.48 -11.17 -12.21
N PHE A 417 -19.51 -9.87 -11.98
CA PHE A 417 -20.59 -9.31 -11.20
C PHE A 417 -21.94 -9.28 -11.93
N ASP A 418 -21.92 -9.14 -13.25
CA ASP A 418 -23.15 -9.20 -14.04
C ASP A 418 -23.77 -10.60 -13.91
N LYS A 419 -22.90 -11.62 -13.85
CA LYS A 419 -23.40 -13.00 -13.70
C LYS A 419 -24.06 -13.22 -12.33
N ILE A 420 -23.43 -12.71 -11.28
CA ILE A 420 -24.04 -12.81 -9.96
C ILE A 420 -25.34 -12.01 -9.91
N ASN A 421 -25.37 -10.81 -10.50
CA ASN A 421 -26.58 -9.98 -10.53
C ASN A 421 -27.71 -10.70 -11.25
N GLN A 422 -27.37 -11.37 -12.35
CA GLN A 422 -28.36 -12.10 -13.14
C GLN A 422 -28.95 -13.26 -12.33
N LYS A 423 -28.08 -13.99 -11.66
CA LYS A 423 -28.51 -15.12 -10.85
C LYS A 423 -29.38 -14.67 -9.67
N GLU A 424 -28.96 -13.63 -8.98
CA GLU A 424 -29.66 -13.16 -7.79
C GLU A 424 -30.81 -12.19 -8.09
N GLY A 425 -30.89 -11.71 -9.34
CA GLY A 425 -31.90 -10.72 -9.70
C GLY A 425 -31.67 -9.40 -8.97
N THR A 426 -30.42 -8.97 -8.86
CA THR A 426 -30.08 -7.73 -8.14
C THR A 426 -29.48 -6.71 -9.09
N ILE A 427 -29.39 -5.47 -8.64
CA ILE A 427 -28.74 -4.42 -9.41
C ILE A 427 -27.54 -3.86 -8.65
N TYR A 428 -26.70 -3.11 -9.34
CA TYR A 428 -25.58 -2.43 -8.68
C TYR A 428 -26.07 -1.19 -7.92
N ARG A 429 -25.34 -0.80 -6.88
CA ARG A 429 -25.55 0.51 -6.25
C ARG A 429 -24.96 1.58 -7.20
N THR A 430 -25.55 2.76 -7.24
CA THR A 430 -25.01 3.86 -8.05
C THR A 430 -24.75 5.08 -7.16
N ASP A 431 -24.74 4.87 -5.85
CA ASP A 431 -24.64 5.98 -4.91
C ASP A 431 -23.53 5.87 -3.89
N LEU A 432 -22.56 5.01 -4.12
CA LEU A 432 -21.50 4.83 -3.13
C LEU A 432 -20.31 5.81 -3.24
N PHE A 433 -20.08 6.33 -4.43
CA PHE A 433 -18.85 7.10 -4.68
C PHE A 433 -19.02 8.61 -4.86
N TYR A 436 -20.89 10.45 -7.17
CA TYR A 436 -21.71 11.17 -8.13
C TYR A 436 -22.44 10.29 -9.15
N TYR A 437 -23.39 9.50 -8.67
CA TYR A 437 -24.18 8.63 -9.55
C TYR A 437 -23.36 7.64 -10.38
N LYS A 438 -22.13 7.36 -9.95
CA LYS A 438 -21.30 6.37 -10.64
C LYS A 438 -21.47 4.95 -10.06
N THR A 439 -21.53 3.96 -10.94
CA THR A 439 -21.54 2.57 -10.51
C THR A 439 -20.12 2.06 -10.16
N TRP A 440 -19.16 2.35 -11.04
CA TRP A 440 -17.80 1.82 -10.94
C TRP A 440 -16.80 2.78 -10.31
N GLY A 441 -16.24 2.40 -9.16
CA GLY A 441 -15.19 3.20 -8.55
C GLY A 441 -13.93 2.98 -9.35
N ASP A 442 -13.64 3.91 -10.27
CA ASP A 442 -12.53 3.76 -11.22
C ASP A 442 -11.56 4.97 -11.27
N ASP A 443 -11.56 5.77 -10.22
CA ASP A 443 -10.73 6.98 -10.22
C ASP A 443 -9.68 6.99 -9.11
N PHE A 444 -9.41 5.82 -8.53
CA PHE A 444 -8.42 5.74 -7.47
C PHE A 444 -7.77 4.37 -7.50
N THR A 445 -6.61 4.25 -6.88
CA THR A 445 -6.02 2.95 -6.65
C THR A 445 -5.40 2.93 -5.26
N TYR A 446 -5.46 1.77 -4.60
CA TYR A 446 -4.74 1.58 -3.35
C TYR A 446 -3.38 0.95 -3.63
N HIS A 447 -3.19 0.48 -4.87
CA HIS A 447 -2.05 -0.38 -5.19
C HIS A 447 -1.20 0.14 -6.35
N PRO A 448 -0.54 1.29 -6.17
CA PRO A 448 0.31 1.81 -7.25
C PRO A 448 1.50 0.87 -7.38
N LEU A 449 1.83 0.48 -8.60
CA LEU A 449 2.97 -0.42 -8.82
C LEU A 449 3.78 -0.03 -10.05
N GLY A 450 5.10 -0.08 -9.96
CA GLY A 450 5.90 0.22 -11.14
C GLY A 450 6.44 1.64 -11.23
N GLY A 451 7.04 1.94 -12.38
CA GLY A 451 7.70 3.22 -12.56
C GLY A 451 9.22 3.07 -12.68
N VAL A 452 9.78 2.06 -12.02
CA VAL A 452 11.23 1.85 -12.05
C VAL A 452 11.44 0.32 -12.06
N LEU A 453 11.04 -0.30 -13.17
CA LEU A 453 10.93 -1.75 -13.24
C LEU A 453 12.22 -2.54 -13.06
N LEU A 454 12.12 -3.59 -12.25
CA LEU A 454 13.20 -4.53 -12.02
C LEU A 454 13.71 -5.07 -13.37
N ASN A 455 15.02 -5.02 -13.57
CA ASN A 455 15.66 -5.53 -14.79
C ASN A 455 15.36 -4.71 -16.03
N LYS A 456 14.72 -3.56 -15.88
CA LYS A 456 14.51 -2.67 -17.00
C LYS A 456 15.14 -1.32 -16.70
N ALA A 457 14.64 -0.63 -15.68
CA ALA A 457 15.21 0.62 -15.22
C ALA A 457 16.37 0.32 -14.27
N THR A 458 16.29 -0.81 -13.57
CA THR A 458 17.33 -1.25 -12.64
C THR A 458 17.99 -2.52 -13.17
N ASP A 459 19.05 -2.98 -12.52
CA ASP A 459 19.55 -4.32 -12.85
C ASP A 459 18.62 -5.40 -12.21
N ASN A 460 19.05 -6.65 -12.21
CA ASN A 460 18.16 -7.71 -11.75
C ASN A 460 18.00 -7.75 -10.23
N PHE A 461 18.71 -6.87 -9.53
CA PHE A 461 18.63 -6.83 -8.08
C PHE A 461 18.30 -5.45 -7.53
N GLY A 462 17.77 -4.58 -8.39
CA GLY A 462 17.34 -3.27 -7.94
C GLY A 462 18.41 -2.19 -7.91
N ARG A 463 19.61 -2.50 -8.39
CA ARG A 463 20.66 -1.49 -8.46
C ARG A 463 20.44 -0.56 -9.64
N LEU A 464 20.76 0.71 -9.46
CA LEU A 464 20.79 1.66 -10.57
C LEU A 464 22.27 1.60 -11.01
N PRO A 465 22.57 0.78 -12.05
CA PRO A 465 23.96 0.57 -12.49
C PRO A 465 24.80 1.79 -12.90
N GLU A 466 24.13 2.86 -13.34
CA GLU A 466 24.80 4.09 -13.77
C GLU A 466 25.33 4.90 -12.58
N TYR A 467 24.80 4.64 -11.39
CA TYR A 467 25.21 5.34 -10.17
C TYR A 467 25.42 4.33 -9.04
N PRO A 468 26.63 3.75 -8.97
CA PRO A 468 26.96 2.76 -7.95
C PRO A 468 26.66 3.27 -6.53
N GLY A 469 25.91 2.48 -5.77
CA GLY A 469 25.54 2.90 -4.43
C GLY A 469 24.10 3.34 -4.33
N LEU A 470 23.40 3.47 -5.47
CA LEU A 470 21.96 3.76 -5.46
C LEU A 470 21.18 2.47 -5.74
N TYR A 471 20.14 2.24 -4.93
CA TYR A 471 19.35 1.01 -5.00
C TYR A 471 17.89 1.37 -4.87
N VAL A 472 17.03 0.56 -5.48
CA VAL A 472 15.57 0.73 -5.39
C VAL A 472 15.03 -0.56 -4.78
N VAL A 473 14.22 -0.45 -3.72
CA VAL A 473 13.76 -1.65 -3.00
C VAL A 473 12.25 -1.73 -2.73
N ASP A 474 11.44 -0.96 -3.44
CA ASP A 474 10.02 -0.86 -3.10
C ASP A 474 9.08 -1.24 -4.27
N GLY A 475 7.83 -0.77 -4.20
CA GLY A 475 6.84 -1.13 -5.20
C GLY A 475 7.07 -0.58 -6.60
N SER A 476 8.02 0.36 -6.76
CA SER A 476 8.32 0.89 -8.08
C SER A 476 8.98 -0.18 -8.98
N LEU A 477 9.53 -1.23 -8.37
CA LEU A 477 10.16 -2.35 -9.08
C LEU A 477 9.17 -3.28 -9.81
N VAL A 478 7.94 -3.33 -9.32
CA VAL A 478 6.94 -4.33 -9.74
C VAL A 478 6.27 -3.88 -11.04
N PRO A 479 6.13 -4.80 -12.02
CA PRO A 479 5.51 -4.39 -13.28
C PRO A 479 3.99 -4.19 -13.31
N GLY A 480 3.53 -3.17 -12.57
CA GLY A 480 2.15 -2.69 -12.65
C GLY A 480 1.02 -3.52 -12.10
N ASN A 481 1.22 -4.83 -11.95
CA ASN A 481 0.14 -5.73 -11.54
C ASN A 481 0.74 -7.05 -11.10
N VAL A 482 0.28 -7.57 -9.97
CA VAL A 482 0.75 -8.86 -9.48
C VAL A 482 -0.42 -9.81 -9.27
N GLY A 483 -1.63 -9.33 -9.55
CA GLY A 483 -2.83 -10.15 -9.46
C GLY A 483 -3.40 -10.42 -8.08
N VAL A 484 -2.75 -9.89 -7.03
CA VAL A 484 -3.18 -10.06 -5.64
C VAL A 484 -2.78 -8.80 -4.87
N ASN A 485 -3.22 -8.71 -3.61
CA ASN A 485 -2.80 -7.62 -2.74
C ASN A 485 -1.28 -7.65 -2.74
N PRO A 486 -0.65 -6.50 -3.08
CA PRO A 486 0.80 -6.40 -3.25
C PRO A 486 1.88 -6.45 -2.19
N PHE A 487 1.56 -6.21 -0.92
CA PHE A 487 2.66 -6.01 -0.01
C PHE A 487 3.58 -7.18 0.28
N VAL A 488 3.03 -8.40 0.22
CA VAL A 488 3.86 -9.58 0.40
C VAL A 488 4.90 -9.66 -0.72
N THR A 489 4.48 -9.40 -1.96
CA THR A 489 5.40 -9.43 -3.08
C THR A 489 6.52 -8.37 -2.92
N ILE A 490 6.14 -7.17 -2.50
CA ILE A 490 7.12 -6.09 -2.32
C ILE A 490 8.13 -6.48 -1.25
N THR A 491 7.65 -7.02 -0.14
CA THR A 491 8.51 -7.47 0.95
C THR A 491 9.48 -8.58 0.50
N ALA A 492 8.96 -9.60 -0.20
CA ALA A 492 9.74 -10.75 -0.63
C ALA A 492 10.80 -10.35 -1.67
N LEU A 493 10.44 -9.45 -2.60
CA LEU A 493 11.40 -8.91 -3.56
C LEU A 493 12.50 -8.13 -2.85
N ALA A 494 12.11 -7.34 -1.86
CA ALA A 494 13.06 -6.58 -1.04
C ALA A 494 13.98 -7.56 -0.31
N GLU A 495 13.43 -8.64 0.24
CA GLU A 495 14.24 -9.64 0.93
C GLU A 495 15.27 -10.23 -0.01
N ARG A 496 14.82 -10.62 -1.20
CA ARG A 496 15.72 -11.17 -2.23
C ARG A 496 16.85 -10.19 -2.57
N ASN A 497 16.48 -8.94 -2.89
CA ASN A 497 17.45 -7.94 -3.30
C ASN A 497 18.49 -7.61 -2.22
N MET A 498 18.03 -7.40 -0.99
CA MET A 498 18.94 -7.06 0.13
C MET A 498 19.94 -8.18 0.40
N ASP A 499 19.47 -9.42 0.25
CA ASP A 499 20.31 -10.58 0.45
C ASP A 499 21.50 -10.49 -0.49
N LYS A 500 21.22 -10.26 -1.76
CA LYS A 500 22.26 -10.17 -2.79
C LYS A 500 23.17 -8.96 -2.61
N ILE A 501 22.57 -7.79 -2.39
CA ILE A 501 23.32 -6.54 -2.27
C ILE A 501 24.26 -6.57 -1.08
N ILE A 502 23.78 -7.07 0.05
CA ILE A 502 24.61 -7.12 1.23
C ILE A 502 25.77 -8.09 1.07
N SER A 503 25.52 -9.26 0.49
CA SER A 503 26.61 -10.21 0.30
C SER A 503 27.55 -9.84 -0.85
N SER A 504 27.04 -9.12 -1.84
CA SER A 504 27.84 -8.77 -3.01
C SER A 504 28.53 -7.43 -2.98
N ASP A 505 27.79 -6.42 -2.54
CA ASP A 505 28.26 -5.04 -2.63
C ASP A 505 28.87 -4.49 -1.37
N ILE A 506 28.34 -4.91 -0.23
CA ILE A 506 28.70 -4.32 1.05
C ILE A 506 29.64 -5.23 1.83
#